data_8R3C
#
_entry.id   8R3C
#
_cell.length_a   58.975
_cell.length_b   52.055
_cell.length_c   69.284
_cell.angle_alpha   90.000
_cell.angle_beta   104.370
_cell.angle_gamma   90.000
#
_symmetry.space_group_name_H-M   'P 1 21 1'
#
loop_
_entity.id
_entity.type
_entity.pdbx_description
1 polymer 'Beta propeller'
2 non-polymer 2-acetamido-2-deoxy-alpha-D-glucopyranose
3 non-polymer sulfonato-calix[8]arene
4 water water
#
_entity_poly.entity_id   1
_entity_poly.type   'polypeptide(L)'
_entity_poly.pdbx_seq_one_letter_code
;MSGFKFLFFSPDGTLYGVHNDKLYKGTPPTSDKDNWLARATLIGNGGW
;
_entity_poly.pdbx_strand_id   A,B,C,D,E,F,G,H,I,J
#
# COMPACT_ATOMS: atom_id res chain seq x y z
N SER A 2 10.72 -9.50 -8.40
CA SER A 2 11.55 -8.30 -8.37
C SER A 2 11.02 -7.29 -7.35
N GLY A 3 11.93 -6.71 -6.58
CA GLY A 3 11.55 -5.82 -5.51
C GLY A 3 11.20 -6.56 -4.23
N PHE A 4 11.51 -5.96 -3.09
CA PHE A 4 11.17 -6.56 -1.79
C PHE A 4 9.82 -6.04 -1.32
N LYS A 5 9.09 -6.92 -0.64
CA LYS A 5 7.85 -6.52 0.02
C LYS A 5 8.09 -5.96 1.42
N PHE A 6 9.09 -6.48 2.12
CA PHE A 6 9.57 -5.99 3.41
C PHE A 6 11.07 -6.02 3.40
N LEU A 7 11.68 -5.05 4.09
CA LEU A 7 13.12 -4.93 4.20
C LEU A 7 13.40 -4.23 5.52
N PHE A 8 14.00 -4.92 6.48
CA PHE A 8 14.01 -4.38 7.84
C PHE A 8 15.13 -5.04 8.63
N PHE A 9 15.51 -4.43 9.76
CA PHE A 9 16.59 -4.92 10.59
C PHE A 9 16.06 -5.60 11.83
N SER A 10 16.77 -6.64 12.26
CA SER A 10 16.66 -7.14 13.61
C SER A 10 17.54 -6.30 14.53
N PRO A 11 17.29 -6.32 15.84
CA PRO A 11 18.07 -5.46 16.74
C PRO A 11 19.54 -5.82 16.83
N ASP A 12 20.01 -7.06 16.23
CA ASP A 12 21.45 -7.32 16.21
C ASP A 12 22.11 -6.82 14.92
N GLY A 13 21.35 -6.26 14.14
CA GLY A 13 21.96 -5.70 12.96
C GLY A 13 21.82 -6.56 11.73
N THR A 14 21.02 -7.61 11.78
CA THR A 14 20.86 -8.48 10.62
C THR A 14 19.75 -7.94 9.74
N LEU A 15 19.98 -7.90 8.45
CA LEU A 15 19.00 -7.42 7.50
C LEU A 15 18.09 -8.58 7.11
N TYR A 16 16.80 -8.34 7.15
CA TYR A 16 15.78 -9.30 6.76
C TYR A 16 15.03 -8.76 5.56
N GLY A 17 14.59 -9.63 4.66
CA GLY A 17 13.79 -9.15 3.55
C GLY A 17 12.86 -10.22 3.04
N VAL A 18 11.69 -9.79 2.58
CA VAL A 18 10.74 -10.68 1.91
C VAL A 18 10.78 -10.36 0.42
N HIS A 19 11.06 -11.38 -0.38
CA HIS A 19 11.24 -11.21 -1.81
C HIS A 19 10.58 -12.40 -2.46
N ASN A 20 9.61 -12.16 -3.33
CA ASN A 20 8.88 -13.24 -4.00
C ASN A 20 8.36 -14.27 -3.01
N ASP A 21 7.68 -13.78 -1.95
CA ASP A 21 7.07 -14.58 -0.89
C ASP A 21 8.05 -15.36 -0.04
N LYS A 22 9.35 -15.21 -0.25
CA LYS A 22 10.36 -15.92 0.50
C LYS A 22 11.01 -14.96 1.48
N LEU A 23 11.53 -15.52 2.57
CA LEU A 23 12.16 -14.71 3.61
C LEU A 23 13.64 -14.98 3.62
N TYR A 24 14.45 -13.92 3.61
CA TYR A 24 15.89 -14.01 3.58
C TYR A 24 16.47 -13.20 4.74
N LYS A 25 17.66 -13.58 5.21
CA LYS A 25 18.40 -12.76 6.16
C LYS A 25 19.88 -12.78 5.84
N GLY A 26 20.56 -11.73 6.26
CA GLY A 26 22.02 -11.70 6.22
C GLY A 26 22.52 -10.32 6.58
N THR A 27 23.82 -10.23 6.80
CA THR A 27 24.36 -8.92 7.10
C THR A 27 24.17 -8.02 5.88
N PRO A 28 23.99 -6.71 6.09
CA PRO A 28 23.57 -5.86 4.99
C PRO A 28 24.67 -5.70 3.96
N PRO A 29 24.32 -5.38 2.72
CA PRO A 29 25.34 -5.20 1.70
C PRO A 29 26.19 -4.00 2.01
N THR A 30 27.44 -4.09 1.56
CA THR A 30 28.46 -3.07 1.77
C THR A 30 28.75 -2.22 0.54
N SER A 31 28.39 -2.66 -0.66
CA SER A 31 28.63 -1.88 -1.86
C SER A 31 27.68 -2.38 -2.94
N ASP A 32 27.57 -1.59 -4.01
CA ASP A 32 26.78 -2.06 -5.15
C ASP A 32 27.41 -3.27 -5.85
N LYS A 33 28.59 -3.71 -5.42
CA LYS A 33 29.21 -4.94 -5.92
C LYS A 33 28.74 -6.17 -5.15
N ASP A 34 28.11 -5.95 -3.98
CA ASP A 34 27.70 -7.02 -3.07
C ASP A 34 26.33 -7.55 -3.51
N ASN A 35 26.32 -8.75 -4.08
CA ASN A 35 25.07 -9.39 -4.48
C ASN A 35 24.44 -9.97 -3.22
N TRP A 36 23.64 -9.15 -2.52
CA TRP A 36 23.16 -9.52 -1.20
C TRP A 36 22.28 -10.77 -1.26
N LEU A 37 21.34 -10.79 -2.20
CA LEU A 37 20.37 -11.88 -2.28
C LEU A 37 21.06 -13.21 -2.57
N ALA A 38 22.17 -13.18 -3.32
CA ALA A 38 22.84 -14.44 -3.64
C ALA A 38 23.53 -15.04 -2.43
N ARG A 39 23.91 -14.22 -1.46
CA ARG A 39 24.57 -14.74 -0.27
C ARG A 39 23.66 -14.74 0.95
N ALA A 40 22.45 -14.19 0.83
CA ALA A 40 21.55 -14.22 1.97
C ALA A 40 21.09 -15.65 2.26
N THR A 41 20.75 -15.89 3.52
CA THR A 41 20.23 -17.19 3.93
C THR A 41 18.74 -17.25 3.69
N LEU A 42 18.29 -18.31 3.04
CA LEU A 42 16.87 -18.50 2.82
C LEU A 42 16.29 -19.05 4.11
N ILE A 43 15.36 -18.31 4.74
CA ILE A 43 14.81 -18.75 6.02
C ILE A 43 13.31 -18.96 5.97
N GLY A 44 12.71 -18.90 4.78
CA GLY A 44 11.28 -19.19 4.68
C GLY A 44 10.89 -19.30 3.23
N ASN A 45 10.18 -20.38 2.86
CA ASN A 45 10.03 -20.73 1.43
C ASN A 45 8.74 -20.22 0.81
N GLY A 46 7.90 -19.54 1.59
CA GLY A 46 6.61 -19.10 1.11
C GLY A 46 5.73 -18.65 2.25
N GLY A 47 4.64 -17.98 1.89
CA GLY A 47 3.69 -17.52 2.87
C GLY A 47 4.00 -16.18 3.50
N TRP A 48 5.03 -15.48 3.06
CA TRP A 48 5.41 -14.21 3.67
C TRP A 48 4.86 -13.03 2.87
N SER B 2 11.19 9.90 -7.84
CA SER B 2 11.42 10.39 -6.50
C SER B 2 10.72 9.46 -5.57
N GLY B 3 10.85 9.74 -4.30
CA GLY B 3 10.22 8.92 -3.34
C GLY B 3 10.97 7.69 -2.94
N PHE B 4 11.04 7.44 -1.67
CA PHE B 4 11.62 6.21 -1.14
C PHE B 4 10.54 5.14 -1.03
N LYS B 5 10.93 3.88 -1.29
CA LYS B 5 10.01 2.76 -1.11
C LYS B 5 10.14 2.16 0.27
N PHE B 6 11.36 2.18 0.83
CA PHE B 6 11.62 1.81 2.22
C PHE B 6 12.51 2.87 2.83
N LEU B 7 12.31 3.16 4.11
CA LEU B 7 13.17 4.11 4.83
C LEU B 7 13.20 3.67 6.28
N PHE B 8 14.37 3.25 6.76
CA PHE B 8 14.41 2.56 8.05
C PHE B 8 15.80 2.63 8.64
N PHE B 9 15.89 2.36 9.94
CA PHE B 9 17.15 2.41 10.67
C PHE B 9 17.75 1.05 10.96
N SER B 10 19.08 0.98 10.88
CA SER B 10 19.79 -0.12 11.51
C SER B 10 20.05 0.22 12.96
N PRO B 11 20.28 -0.79 13.80
CA PRO B 11 20.41 -0.53 15.25
C PRO B 11 21.63 0.29 15.61
N ASP B 12 22.63 0.43 14.72
CA ASP B 12 23.76 1.29 15.04
C ASP B 12 23.46 2.74 14.73
N GLY B 13 22.25 3.02 14.26
CA GLY B 13 21.83 4.38 13.95
C GLY B 13 22.02 4.84 12.51
N THR B 14 22.42 3.97 11.60
CA THR B 14 22.52 4.32 10.20
C THR B 14 21.16 4.26 9.51
N LEU B 15 20.85 5.27 8.72
CA LEU B 15 19.60 5.30 7.98
C LEU B 15 19.78 4.56 6.66
N TYR B 16 18.80 3.72 6.32
CA TYR B 16 18.81 2.97 5.07
C TYR B 16 17.59 3.36 4.26
N GLY B 17 17.74 3.31 2.95
CA GLY B 17 16.63 3.71 2.10
C GLY B 17 16.71 3.04 0.75
N VAL B 18 15.55 2.66 0.23
CA VAL B 18 15.44 2.14 -1.13
C VAL B 18 14.82 3.23 -1.99
N HIS B 19 15.52 3.60 -3.06
CA HIS B 19 15.11 4.66 -3.95
C HIS B 19 15.41 4.21 -5.36
N ASN B 20 14.40 4.22 -6.23
CA ASN B 20 14.55 3.79 -7.63
C ASN B 20 15.27 2.44 -7.73
N ASP B 21 14.80 1.47 -6.95
CA ASP B 21 15.25 0.08 -6.92
C ASP B 21 16.65 -0.10 -6.37
N LYS B 22 17.28 0.97 -5.89
CA LYS B 22 18.63 0.98 -5.38
C LYS B 22 18.60 1.13 -3.86
N LEU B 23 19.62 0.59 -3.19
CA LEU B 23 19.73 0.66 -1.74
C LEU B 23 20.83 1.64 -1.35
N TYR B 24 20.52 2.52 -0.39
CA TYR B 24 21.41 3.57 0.10
C TYR B 24 21.50 3.52 1.62
N LYS B 25 22.64 3.93 2.16
CA LYS B 25 22.74 4.08 3.61
C LYS B 25 23.58 5.31 3.95
N GLY B 26 23.42 5.78 5.18
CA GLY B 26 24.23 6.89 5.63
C GLY B 26 23.72 7.43 6.95
N THR B 27 24.54 8.21 7.67
CA THR B 27 24.01 8.83 8.86
C THR B 27 22.82 9.71 8.50
N PRO B 28 21.79 9.78 9.33
CA PRO B 28 20.58 10.53 8.96
C PRO B 28 20.89 12.00 8.86
N PRO B 29 20.08 12.76 8.12
CA PRO B 29 20.28 14.23 8.09
C PRO B 29 20.01 14.84 9.44
N THR B 30 20.77 15.91 9.72
CA THR B 30 20.62 16.67 10.95
C THR B 30 19.87 17.99 10.74
N SER B 31 19.76 18.44 9.50
CA SER B 31 18.94 19.59 9.13
C SER B 31 18.57 19.48 7.66
N ASP B 32 17.57 20.27 7.25
CA ASP B 32 17.09 20.25 5.88
C ASP B 32 18.05 20.88 4.90
N LYS B 33 19.20 21.36 5.39
CA LYS B 33 20.28 21.73 4.49
C LYS B 33 21.12 20.54 4.06
N ASP B 34 21.00 19.41 4.77
CA ASP B 34 21.79 18.22 4.51
C ASP B 34 21.13 17.39 3.40
N ASN B 35 21.75 17.37 2.22
CA ASN B 35 21.25 16.56 1.10
C ASN B 35 21.72 15.12 1.30
N TRP B 36 20.83 14.31 1.90
CA TRP B 36 21.22 12.97 2.34
C TRP B 36 21.46 12.04 1.16
N LEU B 37 20.56 12.05 0.19
CA LEU B 37 20.68 11.10 -0.92
C LEU B 37 21.93 11.37 -1.74
N ALA B 38 22.35 12.64 -1.84
CA ALA B 38 23.57 12.97 -2.57
C ALA B 38 24.82 12.41 -1.90
N ARG B 39 24.82 12.30 -0.56
CA ARG B 39 25.99 11.84 0.17
C ARG B 39 25.87 10.42 0.64
N ALA B 40 24.74 9.78 0.44
CA ALA B 40 24.58 8.43 0.94
C ALA B 40 25.41 7.42 0.15
N THR B 41 25.80 6.36 0.83
CA THR B 41 26.56 5.31 0.18
C THR B 41 25.60 4.42 -0.58
N LEU B 42 25.81 4.30 -1.89
CA LEU B 42 25.12 3.29 -2.67
C LEU B 42 25.62 1.90 -2.30
N ILE B 43 24.73 1.03 -1.82
CA ILE B 43 25.06 -0.32 -1.43
C ILE B 43 24.24 -1.35 -2.18
N GLY B 44 23.46 -0.91 -3.16
CA GLY B 44 22.79 -1.88 -4.02
C GLY B 44 22.31 -1.23 -5.29
N ASN B 45 22.68 -1.81 -6.44
CA ASN B 45 22.38 -1.20 -7.74
C ASN B 45 20.99 -1.52 -8.27
N GLY B 46 20.32 -2.52 -7.73
CA GLY B 46 18.98 -2.81 -8.18
C GLY B 46 18.45 -4.06 -7.52
N GLY B 47 17.19 -4.35 -7.84
CA GLY B 47 16.51 -5.50 -7.26
C GLY B 47 15.91 -5.24 -5.91
N TRP B 48 15.95 -4.03 -5.40
CA TRP B 48 15.39 -3.75 -4.08
C TRP B 48 13.95 -3.28 -4.18
N SER C 2 -3.62 -13.85 2.43
CA SER C 2 -2.37 -14.57 2.67
C SER C 2 -1.24 -13.57 2.67
N GLY C 3 -0.06 -14.01 3.10
CA GLY C 3 1.05 -13.11 3.23
C GLY C 3 0.92 -12.27 4.49
N PHE C 4 1.96 -11.56 4.84
CA PHE C 4 1.94 -10.72 6.04
C PHE C 4 1.66 -9.29 5.67
N LYS C 5 0.91 -8.60 6.54
CA LYS C 5 0.62 -7.18 6.39
C LYS C 5 1.70 -6.33 7.07
N PHE C 6 2.25 -6.82 8.18
CA PHE C 6 3.36 -6.22 8.89
C PHE C 6 4.27 -7.34 9.30
N LEU C 7 5.57 -7.08 9.30
CA LEU C 7 6.56 -8.08 9.70
C LEU C 7 7.74 -7.29 10.24
N PHE C 8 8.00 -7.39 11.56
CA PHE C 8 8.90 -6.43 12.20
C PHE C 8 9.42 -7.03 13.50
N PHE C 9 10.55 -6.50 13.96
CA PHE C 9 11.18 -6.96 15.18
C PHE C 9 10.92 -6.06 16.37
N SER C 10 10.69 -6.70 17.53
CA SER C 10 10.81 -6.00 18.80
C SER C 10 12.27 -5.87 19.18
N PRO C 11 12.64 -4.84 19.96
CA PRO C 11 14.06 -4.70 20.34
C PRO C 11 14.57 -5.81 21.23
N ASP C 12 13.68 -6.66 21.75
CA ASP C 12 14.06 -7.82 22.54
C ASP C 12 14.40 -9.00 21.67
N GLY C 13 14.41 -8.80 20.35
CA GLY C 13 14.83 -9.83 19.43
C GLY C 13 13.74 -10.71 18.87
N THR C 14 12.49 -10.51 19.27
CA THR C 14 11.36 -11.35 18.84
C THR C 14 10.74 -10.78 17.57
N LEU C 15 10.41 -11.68 16.64
CA LEU C 15 9.77 -11.29 15.39
C LEU C 15 8.26 -11.24 15.60
N TYR C 16 7.65 -10.16 15.12
CA TYR C 16 6.21 -9.95 15.15
C TYR C 16 5.68 -9.87 13.72
N GLY C 17 4.46 -10.34 13.54
CA GLY C 17 3.85 -10.31 12.23
C GLY C 17 2.35 -10.28 12.30
N VAL C 18 1.75 -9.55 11.36
CA VAL C 18 0.30 -9.53 11.20
C VAL C 18 -0.03 -10.33 9.96
N HIS C 19 -0.87 -11.36 10.13
CA HIS C 19 -1.26 -12.24 9.04
C HIS C 19 -2.76 -12.45 9.16
N ASN C 20 -3.51 -12.14 8.10
CA ASN C 20 -4.97 -12.29 8.08
C ASN C 20 -5.61 -11.66 9.31
N ASP C 21 -5.21 -10.43 9.60
CA ASP C 21 -5.74 -9.58 10.66
C ASP C 21 -5.35 -10.04 12.06
N LYS C 22 -4.56 -11.08 12.19
CA LYS C 22 -4.13 -11.59 13.49
C LYS C 22 -2.65 -11.26 13.72
N LEU C 23 -2.28 -11.15 14.99
CA LEU C 23 -0.93 -10.81 15.41
C LEU C 23 -0.23 -12.00 16.04
N TYR C 24 1.00 -12.25 15.60
CA TYR C 24 1.82 -13.39 16.00
C TYR C 24 3.19 -12.90 16.43
N LYS C 25 3.83 -13.61 17.37
CA LYS C 25 5.21 -13.35 17.69
C LYS C 25 5.96 -14.66 17.89
N GLY C 26 7.28 -14.61 17.73
CA GLY C 26 8.10 -15.78 18.01
C GLY C 26 9.54 -15.52 17.62
N THR C 27 10.41 -16.44 18.01
CA THR C 27 11.79 -16.37 17.53
C THR C 27 11.77 -16.40 16.00
N PRO C 28 12.70 -15.69 15.33
CA PRO C 28 12.66 -15.68 13.87
C PRO C 28 13.00 -17.05 13.32
N PRO C 29 12.52 -17.37 12.13
CA PRO C 29 12.89 -18.66 11.52
C PRO C 29 14.36 -18.66 11.13
N THR C 30 14.96 -19.85 11.14
CA THR C 30 16.38 -19.99 10.80
C THR C 30 16.61 -20.81 9.54
N SER C 31 15.55 -21.35 8.94
CA SER C 31 15.69 -22.17 7.73
C SER C 31 14.32 -22.33 7.09
N ASP C 32 14.32 -22.72 5.81
CA ASP C 32 13.04 -22.85 5.11
C ASP C 32 12.27 -24.11 5.54
N LYS C 33 12.81 -24.90 6.46
CA LYS C 33 12.08 -26.01 7.07
C LYS C 33 11.21 -25.54 8.22
N ASP C 34 11.39 -24.31 8.68
CA ASP C 34 10.77 -23.82 9.89
C ASP C 34 9.40 -23.24 9.56
N ASN C 35 8.33 -23.93 10.02
CA ASN C 35 6.97 -23.46 9.79
C ASN C 35 6.66 -22.45 10.88
N TRP C 36 7.06 -21.20 10.62
CA TRP C 36 7.03 -20.17 11.64
C TRP C 36 5.61 -19.93 12.12
N LEU C 37 4.67 -19.81 11.18
CA LEU C 37 3.31 -19.50 11.55
C LEU C 37 2.66 -20.65 12.29
N ALA C 38 3.12 -21.89 12.07
CA ALA C 38 2.57 -22.98 12.87
C ALA C 38 3.00 -22.87 14.33
N ARG C 39 4.25 -22.49 14.59
CA ARG C 39 4.76 -22.48 15.95
C ARG C 39 4.72 -21.11 16.62
N ALA C 40 4.36 -20.05 15.92
CA ALA C 40 4.36 -18.73 16.53
C ALA C 40 3.26 -18.61 17.56
N THR C 41 3.48 -17.72 18.52
CA THR C 41 2.48 -17.46 19.55
C THR C 41 1.45 -16.48 19.01
N LEU C 42 0.19 -16.88 19.03
CA LEU C 42 -0.90 -15.98 18.70
C LEU C 42 -1.08 -14.98 19.84
N ILE C 43 -1.02 -13.69 19.53
CA ILE C 43 -1.13 -12.69 20.58
C ILE C 43 -2.22 -11.69 20.23
N GLY C 44 -2.98 -11.97 19.17
CA GLY C 44 -4.04 -11.07 18.77
C GLY C 44 -4.96 -11.73 17.77
N ASN C 45 -6.26 -11.84 18.09
CA ASN C 45 -7.11 -12.66 17.23
C ASN C 45 -7.80 -11.85 16.14
N GLY C 46 -7.56 -10.54 16.07
CA GLY C 46 -8.17 -9.74 15.02
C GLY C 46 -7.93 -8.28 15.28
N GLY C 47 -8.35 -7.47 14.30
CA GLY C 47 -8.27 -6.04 14.40
C GLY C 47 -6.96 -5.42 13.98
N TRP C 48 -6.01 -6.21 13.48
CA TRP C 48 -4.67 -5.71 13.20
C TRP C 48 -4.54 -5.39 11.72
N SER D 2 -10.77 -0.92 11.27
CA SER D 2 -10.20 -0.78 9.94
C SER D 2 -8.73 -1.21 9.89
N GLY D 3 -8.25 -1.84 10.97
CA GLY D 3 -6.87 -2.31 11.01
C GLY D 3 -5.89 -1.18 11.29
N PHE D 4 -4.61 -1.50 11.13
CA PHE D 4 -3.54 -0.54 11.38
C PHE D 4 -2.89 -0.16 10.07
N LYS D 5 -2.52 1.12 9.96
CA LYS D 5 -1.72 1.64 8.86
C LYS D 5 -0.22 1.51 9.14
N PHE D 6 0.16 1.69 10.41
CA PHE D 6 1.53 1.48 10.87
C PHE D 6 1.46 0.71 12.17
N LEU D 7 2.47 -0.13 12.39
CA LEU D 7 2.54 -0.94 13.59
C LEU D 7 4.01 -1.26 13.81
N PHE D 8 4.61 -0.72 14.87
CA PHE D 8 6.05 -0.73 14.96
C PHE D 8 6.48 -0.54 16.41
N PHE D 9 7.74 -0.87 16.70
CA PHE D 9 8.27 -0.72 18.05
C PHE D 9 9.18 0.51 18.20
N SER D 10 9.19 1.08 19.44
CA SER D 10 10.27 1.96 19.87
C SER D 10 11.37 1.14 20.52
N PRO D 11 12.60 1.66 20.60
CA PRO D 11 13.69 0.83 21.13
C PRO D 11 13.52 0.48 22.59
N ASP D 12 12.63 1.14 23.35
CA ASP D 12 12.37 0.69 24.71
C ASP D 12 11.31 -0.41 24.79
N GLY D 13 10.86 -0.93 23.64
CA GLY D 13 9.96 -2.04 23.63
C GLY D 13 8.50 -1.69 23.54
N THR D 14 8.16 -0.40 23.49
CA THR D 14 6.76 0.00 23.38
C THR D 14 6.26 -0.19 21.96
N LEU D 15 5.08 -0.75 21.83
CA LEU D 15 4.44 -0.92 20.54
C LEU D 15 3.63 0.32 20.21
N TYR D 16 3.80 0.83 19.00
CA TYR D 16 3.07 1.99 18.51
C TYR D 16 2.23 1.56 17.33
N GLY D 17 1.04 2.15 17.22
CA GLY D 17 0.22 1.82 16.07
C GLY D 17 -0.62 2.99 15.60
N VAL D 18 -0.81 3.11 14.30
CA VAL D 18 -1.73 4.10 13.75
C VAL D 18 -2.99 3.36 13.31
N HIS D 19 -4.13 3.78 13.85
CA HIS D 19 -5.40 3.13 13.59
C HIS D 19 -6.44 4.23 13.44
N ASN D 20 -7.18 4.21 12.33
CA ASN D 20 -8.13 5.27 11.99
C ASN D 20 -7.51 6.65 12.21
N ASP D 21 -6.31 6.82 11.67
CA ASP D 21 -5.58 8.09 11.69
C ASP D 21 -5.19 8.55 13.09
N LYS D 22 -5.39 7.72 14.10
CA LYS D 22 -5.00 8.01 15.47
C LYS D 22 -3.76 7.21 15.84
N LEU D 23 -2.97 7.76 16.75
CA LEU D 23 -1.70 7.18 17.17
C LEU D 23 -1.84 6.66 18.59
N TYR D 24 -1.53 5.37 18.76
CA TYR D 24 -1.63 4.67 20.03
C TYR D 24 -0.28 4.09 20.43
N LYS D 25 -0.06 3.94 21.73
CA LYS D 25 1.13 3.26 22.20
C LYS D 25 0.79 2.41 23.42
N GLY D 26 1.60 1.39 23.63
CA GLY D 26 1.45 0.55 24.79
C GLY D 26 2.40 -0.62 24.73
N THR D 27 2.55 -1.29 25.86
CA THR D 27 3.27 -2.55 25.84
C THR D 27 2.54 -3.53 24.94
N PRO D 28 3.28 -4.40 24.26
CA PRO D 28 2.65 -5.25 23.26
C PRO D 28 1.73 -6.28 23.92
N PRO D 29 0.75 -6.80 23.19
CA PRO D 29 -0.16 -7.78 23.79
C PRO D 29 0.56 -9.06 24.15
N THR D 30 0.19 -9.62 25.29
CA THR D 30 0.82 -10.83 25.79
C THR D 30 0.11 -12.09 25.32
N SER D 31 -1.14 -11.99 24.87
CA SER D 31 -1.89 -13.16 24.45
C SER D 31 -3.16 -12.69 23.74
N ASP D 32 -3.83 -13.64 23.09
CA ASP D 32 -5.03 -13.28 22.33
C ASP D 32 -6.17 -12.81 23.22
N LYS D 33 -6.05 -12.95 24.53
CA LYS D 33 -7.04 -12.40 25.44
C LYS D 33 -6.77 -10.93 25.80
N ASP D 34 -5.67 -10.36 25.31
CA ASP D 34 -5.28 -8.99 25.63
C ASP D 34 -5.89 -8.04 24.59
N ASN D 35 -6.91 -7.29 24.99
CA ASN D 35 -7.47 -6.27 24.11
C ASN D 35 -6.55 -5.07 24.15
N TRP D 36 -5.56 -5.07 23.24
CA TRP D 36 -4.51 -4.05 23.24
C TRP D 36 -5.10 -2.66 23.03
N LEU D 37 -5.97 -2.52 22.03
CA LEU D 37 -6.42 -1.18 21.71
C LEU D 37 -7.40 -0.66 22.77
N ALA D 38 -8.04 -1.55 23.52
CA ALA D 38 -8.85 -1.10 24.67
C ALA D 38 -8.01 -0.48 25.78
N ARG D 39 -6.73 -0.88 25.90
CA ARG D 39 -5.87 -0.40 26.98
C ARG D 39 -4.68 0.42 26.49
N ALA D 40 -4.48 0.55 25.18
CA ALA D 40 -3.40 1.39 24.68
C ALA D 40 -3.65 2.85 25.03
N THR D 41 -2.57 3.62 25.08
CA THR D 41 -2.66 5.04 25.37
C THR D 41 -2.87 5.79 24.06
N LEU D 42 -3.94 6.56 23.99
CA LEU D 42 -4.10 7.45 22.84
C LEU D 42 -3.14 8.62 22.97
N ILE D 43 -2.20 8.76 22.02
CA ILE D 43 -1.21 9.83 22.02
C ILE D 43 -1.28 10.72 20.80
N GLY D 44 -2.27 10.51 19.93
CA GLY D 44 -2.47 11.35 18.77
C GLY D 44 -3.89 11.21 18.26
N ASN D 45 -4.61 12.32 18.13
CA ASN D 45 -6.03 12.23 17.81
C ASN D 45 -6.33 12.29 16.32
N GLY D 46 -5.33 12.54 15.48
CA GLY D 46 -5.55 12.58 14.04
C GLY D 46 -4.31 13.04 13.30
N GLY D 47 -4.41 12.97 11.97
CA GLY D 47 -3.34 13.40 11.11
C GLY D 47 -2.25 12.38 10.83
N TRP D 48 -2.37 11.17 11.37
CA TRP D 48 -1.31 10.17 11.22
C TRP D 48 -1.60 9.27 10.04
N SER E 2 -1.35 14.20 3.15
CA SER E 2 -2.39 13.60 3.97
C SER E 2 -1.84 13.23 5.35
N GLY E 3 -1.64 11.94 5.56
CA GLY E 3 -0.94 11.40 6.72
C GLY E 3 0.55 11.22 6.42
N PHE E 4 1.11 10.17 7.00
CA PHE E 4 2.54 9.87 6.87
C PHE E 4 2.76 8.74 5.88
N LYS E 5 3.87 8.82 5.16
CA LYS E 5 4.29 7.74 4.28
C LYS E 5 5.12 6.71 5.03
N PHE E 6 5.93 7.19 5.97
CA PHE E 6 6.75 6.38 6.85
C PHE E 6 6.64 6.99 8.25
N LEU E 7 6.74 6.12 9.24
CA LEU E 7 6.68 6.53 10.64
C LEU E 7 7.42 5.46 11.42
N PHE E 8 8.57 5.82 11.98
CA PHE E 8 9.48 4.80 12.47
C PHE E 8 10.45 5.40 13.47
N PHE E 9 11.01 4.56 14.32
CA PHE E 9 11.96 4.99 15.33
C PHE E 9 13.41 4.79 14.91
N SER E 10 14.26 5.73 15.30
CA SER E 10 15.70 5.53 15.37
C SER E 10 16.07 4.81 16.67
N PRO E 11 17.24 4.16 16.72
CA PRO E 11 17.58 3.39 17.93
C PRO E 11 17.83 4.25 19.15
N ASP E 12 18.03 5.56 19.00
CA ASP E 12 18.13 6.42 20.17
C ASP E 12 16.77 6.88 20.69
N GLY E 13 15.66 6.44 20.09
CA GLY E 13 14.34 6.71 20.61
C GLY E 13 13.64 7.90 19.96
N THR E 14 14.24 8.49 18.93
CA THR E 14 13.62 9.59 18.20
C THR E 14 12.62 9.04 17.19
N LEU E 15 11.43 9.65 17.12
CA LEU E 15 10.43 9.28 16.11
C LEU E 15 10.70 10.03 14.81
N TYR E 16 10.79 9.30 13.70
CA TYR E 16 10.96 9.91 12.40
C TYR E 16 9.70 9.72 11.58
N GLY E 17 9.41 10.69 10.72
CA GLY E 17 8.20 10.62 9.92
C GLY E 17 8.39 11.30 8.58
N VAL E 18 7.85 10.71 7.52
CA VAL E 18 7.85 11.30 6.19
C VAL E 18 6.42 11.75 5.92
N HIS E 19 6.23 13.04 5.66
CA HIS E 19 4.92 13.66 5.53
C HIS E 19 5.02 14.70 4.43
N ASN E 20 4.20 14.56 3.38
CA ASN E 20 4.25 15.46 2.23
C ASN E 20 5.67 15.63 1.69
N ASP E 21 6.34 14.49 1.47
CA ASP E 21 7.67 14.36 0.89
C ASP E 21 8.78 14.92 1.77
N LYS E 22 8.47 15.39 2.98
CA LYS E 22 9.46 15.97 3.86
C LYS E 22 9.76 15.03 5.03
N LEU E 23 10.96 15.16 5.59
CA LEU E 23 11.42 14.31 6.66
C LEU E 23 11.45 15.10 7.97
N TYR E 24 10.86 14.52 9.02
CA TYR E 24 10.67 15.11 10.33
C TYR E 24 11.24 14.17 11.39
N LYS E 25 11.75 14.74 12.47
CA LYS E 25 12.20 13.92 13.59
C LYS E 25 11.90 14.66 14.88
N GLY E 26 11.65 13.89 15.92
CA GLY E 26 11.45 14.48 17.23
C GLY E 26 11.05 13.43 18.24
N THR E 27 11.10 13.81 19.51
CA THR E 27 10.64 12.90 20.54
C THR E 27 9.18 12.54 20.29
N PRO E 28 8.79 11.29 20.51
CA PRO E 28 7.41 10.91 20.23
C PRO E 28 6.43 11.68 21.08
N PRO E 29 5.18 11.87 20.61
CA PRO E 29 4.20 12.59 21.42
C PRO E 29 3.88 11.81 22.68
N THR E 30 3.55 12.54 23.75
CA THR E 30 3.16 11.89 24.99
C THR E 30 1.65 11.92 25.24
N SER E 31 0.91 12.79 24.56
CA SER E 31 -0.55 12.76 24.64
C SER E 31 -1.09 13.41 23.38
N ASP E 32 -2.39 13.23 23.17
CA ASP E 32 -3.02 13.82 21.99
C ASP E 32 -3.09 15.34 22.04
N LYS E 33 -2.71 15.97 23.15
CA LYS E 33 -2.53 17.41 23.14
C LYS E 33 -1.24 17.85 22.44
N ASP E 34 -0.31 16.91 22.16
CA ASP E 34 0.94 17.24 21.47
C ASP E 34 0.71 17.35 19.97
N ASN E 35 0.98 18.51 19.40
CA ASN E 35 0.96 18.66 17.96
C ASN E 35 2.33 18.25 17.44
N TRP E 36 2.51 16.95 17.20
CA TRP E 36 3.86 16.44 16.93
C TRP E 36 4.44 17.00 15.63
N LEU E 37 3.60 17.22 14.60
CA LEU E 37 4.09 17.70 13.33
C LEU E 37 4.61 19.13 13.43
N ALA E 38 3.92 19.97 14.22
CA ALA E 38 4.38 21.34 14.45
C ALA E 38 5.63 21.35 15.30
N ARG E 39 5.75 20.35 16.17
CA ARG E 39 6.77 20.19 17.18
C ARG E 39 8.05 19.54 16.62
N ALA E 40 7.91 18.71 15.58
CA ALA E 40 9.07 18.00 15.08
C ALA E 40 10.02 18.92 14.33
N THR E 41 11.27 18.47 14.23
CA THR E 41 12.29 19.19 13.49
C THR E 41 12.23 18.78 12.03
N LEU E 42 12.08 19.75 11.15
CA LEU E 42 12.20 19.53 9.71
C LEU E 42 13.66 19.24 9.39
N ILE E 43 13.96 17.99 9.06
CA ILE E 43 15.33 17.61 8.73
C ILE E 43 15.50 17.28 7.25
N GLY E 44 14.43 17.39 6.45
CA GLY E 44 14.52 17.16 5.02
C GLY E 44 13.37 17.83 4.27
N ASN E 45 13.68 18.67 3.27
CA ASN E 45 12.63 19.50 2.67
C ASN E 45 11.95 18.87 1.46
N GLY E 46 12.32 17.64 1.07
CA GLY E 46 11.71 17.02 -0.08
C GLY E 46 12.50 15.81 -0.48
N GLY E 47 11.94 15.07 -1.46
CA GLY E 47 12.57 13.90 -1.99
C GLY E 47 12.35 12.62 -1.19
N TRP E 48 11.59 12.68 -0.10
CA TRP E 48 11.45 11.49 0.73
C TRP E 48 10.19 10.70 0.38
N SER F 2 -10.73 -8.14 8.00
CA SER F 2 -12.04 -7.49 7.83
C SER F 2 -11.88 -6.28 6.91
N GLY F 3 -12.96 -5.91 6.23
CA GLY F 3 -12.86 -4.94 5.16
C GLY F 3 -12.44 -5.60 3.86
N PHE F 4 -12.41 -4.80 2.80
CA PHE F 4 -12.10 -5.31 1.47
C PHE F 4 -10.70 -4.90 1.07
N LYS F 5 -10.05 -5.76 0.30
CA LYS F 5 -8.75 -5.45 -0.26
C LYS F 5 -8.88 -4.84 -1.65
N PHE F 6 -9.86 -5.30 -2.43
CA PHE F 6 -10.24 -4.69 -3.69
C PHE F 6 -11.77 -4.55 -3.68
N LEU F 7 -12.25 -3.52 -4.37
CA LEU F 7 -13.69 -3.27 -4.49
C LEU F 7 -13.89 -2.48 -5.77
N PHE F 8 -14.53 -3.08 -6.78
CA PHE F 8 -14.48 -2.50 -8.12
C PHE F 8 -15.61 -3.03 -8.98
N PHE F 9 -15.91 -2.30 -10.04
CA PHE F 9 -16.99 -2.68 -10.95
C PHE F 9 -16.47 -3.35 -12.23
N SER F 10 -17.26 -4.31 -12.71
CA SER F 10 -17.14 -4.80 -14.06
C SER F 10 -17.92 -3.90 -14.99
N PRO F 11 -17.62 -3.90 -16.29
CA PRO F 11 -18.28 -2.96 -17.20
C PRO F 11 -19.77 -3.20 -17.36
N ASP F 12 -20.30 -4.36 -16.94
CA ASP F 12 -21.74 -4.55 -16.97
C ASP F 12 -22.44 -4.14 -15.67
N GLY F 13 -21.74 -3.47 -14.76
CA GLY F 13 -22.41 -2.96 -13.59
C GLY F 13 -22.37 -3.84 -12.36
N THR F 14 -21.66 -4.96 -12.41
CA THR F 14 -21.55 -5.88 -11.29
C THR F 14 -20.42 -5.43 -10.37
N LEU F 15 -20.69 -5.45 -9.07
CA LEU F 15 -19.69 -5.08 -8.07
C LEU F 15 -18.88 -6.31 -7.68
N TYR F 16 -17.55 -6.17 -7.71
CA TYR F 16 -16.64 -7.23 -7.30
C TYR F 16 -15.88 -6.79 -6.05
N GLY F 17 -15.61 -7.74 -5.15
CA GLY F 17 -14.85 -7.41 -3.96
C GLY F 17 -13.98 -8.57 -3.52
N VAL F 18 -12.76 -8.28 -3.08
CA VAL F 18 -11.90 -9.27 -2.43
C VAL F 18 -11.97 -9.03 -0.94
N HIS F 19 -12.38 -10.05 -0.21
CA HIS F 19 -12.53 -9.98 1.23
C HIS F 19 -11.99 -11.28 1.81
N ASN F 20 -11.06 -11.17 2.76
CA ASN F 20 -10.47 -12.33 3.42
C ASN F 20 -10.02 -13.37 2.41
N ASP F 21 -9.22 -12.91 1.43
CA ASP F 21 -8.60 -13.70 0.37
C ASP F 21 -9.58 -14.27 -0.64
N LYS F 22 -10.88 -14.06 -0.47
CA LYS F 22 -11.90 -14.64 -1.32
C LYS F 22 -12.51 -13.58 -2.24
N LEU F 23 -13.05 -14.01 -3.37
CA LEU F 23 -13.60 -13.14 -4.38
C LEU F 23 -15.12 -13.26 -4.42
N TYR F 24 -15.80 -12.11 -4.35
CA TYR F 24 -17.26 -12.02 -4.30
C TYR F 24 -17.75 -11.12 -5.42
N LYS F 25 -18.96 -11.38 -5.90
CA LYS F 25 -19.58 -10.52 -6.90
C LYS F 25 -21.07 -10.43 -6.65
N GLY F 26 -21.67 -9.35 -7.16
CA GLY F 26 -23.09 -9.15 -7.04
C GLY F 26 -23.48 -7.77 -7.49
N THR F 27 -24.74 -7.56 -7.84
CA THR F 27 -25.26 -6.22 -7.95
C THR F 27 -24.86 -5.39 -6.73
N PRO F 28 -24.59 -4.09 -6.89
CA PRO F 28 -24.24 -3.26 -5.72
C PRO F 28 -25.37 -3.18 -4.71
N PRO F 29 -25.09 -2.91 -3.43
CA PRO F 29 -26.17 -2.90 -2.44
C PRO F 29 -27.20 -1.84 -2.76
N THR F 30 -28.48 -2.23 -2.61
CA THR F 30 -29.59 -1.33 -2.96
C THR F 30 -29.89 -0.33 -1.85
N SER F 31 -29.37 -0.54 -0.64
CA SER F 31 -29.52 0.36 0.49
C SER F 31 -28.64 -0.20 1.60
N ASP F 32 -28.54 0.56 2.70
CA ASP F 32 -27.74 0.09 3.82
C ASP F 32 -28.45 -1.00 4.63
N LYS F 33 -29.64 -1.40 4.22
CA LYS F 33 -30.26 -2.58 4.80
C LYS F 33 -29.83 -3.85 4.08
N ASP F 34 -29.11 -3.71 2.97
CA ASP F 34 -28.71 -4.81 2.09
C ASP F 34 -27.37 -5.36 2.58
N ASN F 35 -27.39 -6.54 3.17
CA ASN F 35 -26.16 -7.18 3.65
C ASN F 35 -25.48 -7.81 2.44
N TRP F 36 -24.66 -6.99 1.75
CA TRP F 36 -24.09 -7.37 0.47
C TRP F 36 -23.19 -8.60 0.59
N LEU F 37 -22.29 -8.61 1.58
CA LEU F 37 -21.31 -9.68 1.63
C LEU F 37 -21.98 -11.01 1.94
N ALA F 38 -23.08 -10.96 2.70
CA ALA F 38 -23.81 -12.18 3.03
C ALA F 38 -24.51 -12.78 1.81
N ARG F 39 -24.94 -11.95 0.86
CA ARG F 39 -25.67 -12.46 -0.30
C ARG F 39 -24.88 -12.42 -1.59
N ALA F 40 -23.66 -11.89 -1.59
CA ALA F 40 -22.87 -11.88 -2.80
C ALA F 40 -22.49 -13.31 -3.21
N THR F 41 -22.29 -13.51 -4.49
CA THR F 41 -21.89 -14.81 -5.00
C THR F 41 -20.41 -15.02 -4.69
N LEU F 42 -20.10 -16.10 -3.98
CA LEU F 42 -18.71 -16.48 -3.79
C LEU F 42 -18.15 -17.06 -5.10
N ILE F 43 -17.15 -16.37 -5.68
CA ILE F 43 -16.58 -16.84 -6.93
C ILE F 43 -15.10 -17.17 -6.80
N GLY F 44 -14.58 -17.21 -5.58
CA GLY F 44 -13.19 -17.59 -5.41
C GLY F 44 -12.88 -17.88 -3.97
N ASN F 45 -12.39 -19.09 -3.66
CA ASN F 45 -12.19 -19.48 -2.27
C ASN F 45 -10.87 -19.02 -1.67
N GLY F 46 -9.98 -18.41 -2.45
CA GLY F 46 -8.68 -18.05 -1.95
C GLY F 46 -7.72 -17.70 -3.07
N GLY F 47 -6.57 -17.18 -2.67
CA GLY F 47 -5.54 -16.80 -3.61
C GLY F 47 -5.67 -15.40 -4.17
N TRP F 48 -6.64 -14.61 -3.70
CA TRP F 48 -6.87 -13.26 -4.22
C TRP F 48 -6.23 -12.20 -3.35
N SER G 2 -10.64 9.53 7.80
CA SER G 2 -10.58 10.89 7.27
C SER G 2 -10.94 10.96 5.78
N GLY G 3 -10.12 10.34 4.95
CA GLY G 3 -10.35 10.30 3.52
C GLY G 3 -11.07 9.04 3.11
N PHE G 4 -10.85 8.62 1.89
CA PHE G 4 -11.50 7.43 1.34
C PHE G 4 -10.53 6.25 1.25
N LYS G 5 -11.04 5.05 1.52
CA LYS G 5 -10.27 3.84 1.30
C LYS G 5 -10.36 3.38 -0.16
N PHE G 6 -11.53 3.57 -0.77
CA PHE G 6 -11.76 3.26 -2.17
C PHE G 6 -12.56 4.41 -2.75
N LEU G 7 -12.29 4.73 -4.01
CA LEU G 7 -13.02 5.80 -4.71
C LEU G 7 -13.03 5.41 -6.17
N PHE G 8 -14.20 5.09 -6.73
CA PHE G 8 -14.20 4.48 -8.06
C PHE G 8 -15.56 4.70 -8.72
N PHE G 9 -15.58 4.56 -10.04
CA PHE G 9 -16.80 4.74 -10.81
C PHE G 9 -17.47 3.41 -11.12
N SER G 10 -18.77 3.43 -11.14
CA SER G 10 -19.55 2.41 -11.80
C SER G 10 -19.70 2.77 -13.27
N PRO G 11 -19.97 1.79 -14.13
CA PRO G 11 -20.02 2.12 -15.57
C PRO G 11 -21.13 3.06 -15.95
N ASP G 12 -22.13 3.23 -15.08
CA ASP G 12 -23.19 4.18 -15.38
C ASP G 12 -22.81 5.61 -15.04
N GLY G 13 -21.59 5.85 -14.54
CA GLY G 13 -21.15 7.19 -14.22
C GLY G 13 -21.33 7.63 -12.78
N THR G 14 -21.80 6.75 -11.91
CA THR G 14 -21.97 7.08 -10.50
C THR G 14 -20.66 6.87 -9.77
N LEU G 15 -20.28 7.83 -8.91
CA LEU G 15 -19.08 7.69 -8.11
C LEU G 15 -19.41 6.92 -6.83
N TYR G 16 -18.55 5.96 -6.49
CA TYR G 16 -18.68 5.17 -5.27
C TYR G 16 -17.47 5.41 -4.38
N GLY G 17 -17.72 5.47 -3.07
CA GLY G 17 -16.61 5.64 -2.16
C GLY G 17 -16.77 4.94 -0.84
N VAL G 18 -15.67 4.42 -0.31
CA VAL G 18 -15.67 3.83 1.03
C VAL G 18 -15.00 4.85 1.96
N HIS G 19 -15.75 5.28 2.98
CA HIS G 19 -15.27 6.28 3.92
C HIS G 19 -15.71 5.85 5.31
N ASN G 20 -14.76 5.74 6.25
CA ASN G 20 -15.05 5.28 7.62
C ASN G 20 -15.83 3.97 7.60
N ASP G 21 -15.35 3.03 6.77
CA ASP G 21 -15.88 1.67 6.65
C ASP G 21 -17.29 1.63 6.08
N LYS G 22 -17.84 2.75 5.63
CA LYS G 22 -19.16 2.83 5.03
C LYS G 22 -19.08 3.07 3.53
N LEU G 23 -20.13 2.68 2.83
CA LEU G 23 -20.20 2.77 1.37
C LEU G 23 -21.19 3.85 0.94
N TYR G 24 -20.71 4.78 0.11
CA TYR G 24 -21.50 5.90 -0.40
C TYR G 24 -21.52 5.90 -1.92
N LYS G 25 -22.58 6.46 -2.49
CA LYS G 25 -22.65 6.62 -3.93
C LYS G 25 -23.32 7.93 -4.29
N GLY G 26 -22.93 8.47 -5.45
CA GLY G 26 -23.56 9.65 -5.99
C GLY G 26 -22.84 10.16 -7.21
N THR G 27 -23.51 10.96 -8.05
CA THR G 27 -22.81 11.54 -9.19
C THR G 27 -21.59 12.33 -8.71
N PRO G 28 -20.54 12.39 -9.52
CA PRO G 28 -19.34 13.07 -9.09
C PRO G 28 -19.59 14.56 -8.93
N PRO G 29 -18.80 15.23 -8.09
CA PRO G 29 -18.93 16.68 -7.97
C PRO G 29 -18.37 17.37 -9.22
N THR G 30 -19.01 18.49 -9.57
CA THR G 30 -18.58 19.30 -10.70
C THR G 30 -17.89 20.58 -10.24
N SER G 31 -17.99 20.92 -8.96
CA SER G 31 -17.19 22.04 -8.47
C SER G 31 -16.84 21.80 -7.02
N ASP G 32 -15.82 22.53 -6.56
CA ASP G 32 -15.41 22.35 -5.18
C ASP G 32 -16.39 22.99 -4.19
N LYS G 33 -17.46 23.62 -4.64
CA LYS G 33 -18.51 24.04 -3.71
C LYS G 33 -19.51 22.93 -3.42
N ASP G 34 -19.38 21.79 -4.10
CA ASP G 34 -20.30 20.65 -3.98
C ASP G 34 -19.77 19.73 -2.88
N ASN G 35 -20.47 19.69 -1.76
CA ASN G 35 -20.12 18.77 -0.66
C ASN G 35 -20.64 17.39 -1.02
N TRP G 36 -19.78 16.59 -1.63
CA TRP G 36 -20.21 15.32 -2.19
C TRP G 36 -20.62 14.33 -1.10
N LEU G 37 -19.77 14.17 -0.09
CA LEU G 37 -20.07 13.22 0.97
C LEU G 37 -21.39 13.56 1.66
N ALA G 38 -21.71 14.85 1.80
CA ALA G 38 -22.97 15.24 2.45
C ALA G 38 -24.19 14.87 1.64
N ARG G 39 -24.11 14.87 0.30
CA ARG G 39 -25.26 14.53 -0.52
C ARG G 39 -25.24 13.10 -1.05
N ALA G 40 -24.12 12.38 -0.87
CA ALA G 40 -24.05 10.99 -1.28
C ALA G 40 -25.05 10.12 -0.52
N THR G 41 -25.55 9.11 -1.20
CA THR G 41 -26.46 8.15 -0.58
C THR G 41 -25.63 7.13 0.19
N LEU G 42 -25.90 6.99 1.48
CA LEU G 42 -25.28 5.93 2.27
C LEU G 42 -25.92 4.60 1.91
N ILE G 43 -25.16 3.69 1.31
CA ILE G 43 -25.69 2.40 0.89
C ILE G 43 -25.06 1.22 1.64
N GLY G 44 -24.19 1.47 2.60
CA GLY G 44 -23.57 0.39 3.35
C GLY G 44 -23.00 0.88 4.66
N ASN G 45 -23.42 0.29 5.80
CA ASN G 45 -23.16 0.95 7.07
C ASN G 45 -21.92 0.46 7.79
N GLY G 46 -21.16 -0.44 7.20
CA GLY G 46 -20.02 -1.00 7.88
C GLY G 46 -19.49 -2.18 7.10
N GLY G 47 -18.27 -2.57 7.46
CA GLY G 47 -17.64 -3.74 6.90
C GLY G 47 -17.04 -3.56 5.52
N TRP G 48 -16.90 -2.33 5.05
CA TRP G 48 -16.27 -2.10 3.74
C TRP G 48 -14.81 -1.71 3.92
N SER H 2 2.05 -13.92 -3.22
CA SER H 2 0.74 -14.46 -2.89
C SER H 2 -0.28 -13.34 -2.89
N GLY H 3 -1.50 -13.63 -3.37
CA GLY H 3 -2.50 -12.60 -3.54
C GLY H 3 -2.20 -11.77 -4.76
N PHE H 4 -3.10 -10.83 -5.03
CA PHE H 4 -2.98 -9.97 -6.20
C PHE H 4 -2.56 -8.58 -5.78
N LYS H 5 -1.66 -7.98 -6.56
CA LYS H 5 -1.29 -6.58 -6.33
C LYS H 5 -2.31 -5.65 -6.99
N PHE H 6 -2.84 -6.07 -8.14
CA PHE H 6 -3.90 -5.36 -8.84
C PHE H 6 -4.92 -6.38 -9.33
N LEU H 7 -6.18 -5.98 -9.35
CA LEU H 7 -7.25 -6.83 -9.86
C LEU H 7 -8.33 -5.90 -10.39
N PHE H 8 -8.57 -5.93 -11.69
CA PHE H 8 -9.38 -4.87 -12.29
C PHE H 8 -9.87 -5.32 -13.66
N PHE H 9 -10.90 -4.63 -14.15
CA PHE H 9 -11.54 -4.99 -15.41
C PHE H 9 -11.15 -4.08 -16.56
N SER H 10 -11.02 -4.68 -17.76
CA SER H 10 -10.98 -3.89 -18.98
C SER H 10 -12.40 -3.63 -19.46
N PRO H 11 -12.61 -2.57 -20.24
CA PRO H 11 -13.98 -2.26 -20.68
C PRO H 11 -14.64 -3.33 -21.52
N ASP H 12 -13.92 -4.35 -21.98
CA ASP H 12 -14.60 -5.43 -22.69
C ASP H 12 -15.07 -6.56 -21.79
N GLY H 13 -14.85 -6.45 -20.48
CA GLY H 13 -15.33 -7.44 -19.55
C GLY H 13 -14.30 -8.44 -19.12
N THR H 14 -13.05 -8.27 -19.56
CA THR H 14 -11.98 -9.20 -19.23
C THR H 14 -11.35 -8.78 -17.90
N LEU H 15 -11.13 -9.76 -17.03
CA LEU H 15 -10.49 -9.48 -15.74
C LEU H 15 -8.98 -9.54 -15.90
N TYR H 16 -8.29 -8.56 -15.31
CA TYR H 16 -6.84 -8.45 -15.32
C TYR H 16 -6.33 -8.52 -13.90
N GLY H 17 -5.15 -9.09 -13.72
CA GLY H 17 -4.60 -9.17 -12.40
C GLY H 17 -3.10 -9.25 -12.42
N VAL H 18 -2.46 -8.63 -11.43
CA VAL H 18 -1.03 -8.75 -11.25
C VAL H 18 -0.83 -9.65 -10.05
N HIS H 19 -0.14 -10.76 -10.27
CA HIS H 19 0.14 -11.75 -9.24
C HIS H 19 1.61 -12.12 -9.35
N ASN H 20 2.37 -11.91 -8.27
CA ASN H 20 3.79 -12.29 -8.22
C ASN H 20 4.57 -11.71 -9.41
N ASP H 21 4.41 -10.41 -9.63
CA ASP H 21 5.16 -9.64 -10.62
C ASP H 21 4.72 -9.94 -12.05
N LYS H 22 3.66 -10.71 -12.26
CA LYS H 22 3.21 -11.12 -13.59
C LYS H 22 1.78 -10.65 -13.86
N LEU H 23 1.46 -10.45 -15.13
CA LEU H 23 0.14 -9.96 -15.53
C LEU H 23 -0.67 -11.08 -16.17
N TYR H 24 -1.89 -11.28 -15.69
CA TYR H 24 -2.80 -12.30 -16.19
C TYR H 24 -4.10 -11.67 -16.62
N LYS H 25 -4.74 -12.25 -17.65
CA LYS H 25 -6.08 -11.84 -18.03
C LYS H 25 -6.95 -13.06 -18.29
N GLY H 26 -8.26 -12.84 -18.28
CA GLY H 26 -9.20 -13.91 -18.49
C GLY H 26 -10.59 -13.50 -18.08
N THR H 27 -11.59 -14.21 -18.62
CA THR H 27 -12.96 -14.03 -18.15
C THR H 27 -13.02 -14.24 -16.63
N PRO H 28 -13.84 -13.47 -15.91
CA PRO H 28 -13.87 -13.59 -14.46
C PRO H 28 -14.38 -14.97 -14.05
N PRO H 29 -14.01 -15.43 -12.86
CA PRO H 29 -14.51 -16.73 -12.41
C PRO H 29 -16.00 -16.66 -12.07
N THR H 30 -16.67 -17.81 -12.22
CA THR H 30 -18.12 -17.90 -12.00
C THR H 30 -18.51 -18.64 -10.74
N SER H 31 -17.57 -19.32 -10.08
CA SER H 31 -17.87 -20.05 -8.86
C SER H 31 -16.55 -20.35 -8.15
N ASP H 32 -16.66 -20.63 -6.86
CA ASP H 32 -15.50 -21.04 -6.06
C ASP H 32 -14.80 -22.30 -6.60
N LYS H 33 -15.37 -22.97 -7.59
CA LYS H 33 -14.72 -24.15 -8.18
C LYS H 33 -13.89 -23.80 -9.41
N ASP H 34 -13.78 -22.52 -9.73
CA ASP H 34 -13.15 -22.06 -10.95
C ASP H 34 -11.73 -21.57 -10.62
N ASN H 35 -10.73 -22.36 -11.00
CA ASN H 35 -9.34 -21.99 -10.71
C ASN H 35 -8.93 -20.97 -11.76
N TRP H 36 -9.11 -19.69 -11.43
CA TRP H 36 -8.88 -18.64 -12.42
C TRP H 36 -7.42 -18.52 -12.81
N LEU H 37 -6.53 -18.54 -11.82
CA LEU H 37 -5.12 -18.28 -12.11
C LEU H 37 -4.50 -19.39 -12.95
N ALA H 38 -5.01 -20.62 -12.81
CA ALA H 38 -4.52 -21.74 -13.63
C ALA H 38 -5.00 -21.65 -15.08
N ARG H 39 -6.16 -21.05 -15.32
CA ARG H 39 -6.64 -20.91 -16.70
C ARG H 39 -6.34 -19.57 -17.32
N ALA H 40 -5.87 -18.61 -16.54
CA ALA H 40 -5.73 -17.28 -17.12
C ALA H 40 -4.57 -17.23 -18.10
N THR H 41 -4.64 -16.27 -19.02
CA THR H 41 -3.59 -16.05 -19.99
C THR H 41 -2.49 -15.18 -19.40
N LEU H 42 -1.28 -15.71 -19.34
CA LEU H 42 -0.14 -14.91 -18.91
C LEU H 42 0.23 -13.94 -20.02
N ILE H 43 0.02 -12.64 -19.80
CA ILE H 43 0.36 -11.62 -20.78
C ILE H 43 1.54 -10.78 -20.35
N GLY H 44 2.17 -11.10 -19.24
CA GLY H 44 3.34 -10.35 -18.81
C GLY H 44 4.18 -11.12 -17.82
N ASN H 45 5.43 -11.39 -18.17
CA ASN H 45 6.26 -12.32 -17.40
C ASN H 45 7.06 -11.66 -16.29
N GLY H 46 6.95 -10.35 -16.13
CA GLY H 46 7.71 -9.63 -15.12
C GLY H 46 7.61 -8.11 -15.20
N GLY H 47 7.98 -7.43 -14.12
CA GLY H 47 7.98 -5.99 -14.09
C GLY H 47 6.67 -5.33 -13.73
N TRP H 48 5.68 -6.07 -13.25
CA TRP H 48 4.38 -5.47 -12.91
C TRP H 48 4.22 -5.25 -11.41
N SER I 2 10.47 -2.32 -11.51
CA SER I 2 10.05 -1.75 -10.23
C SER I 2 8.55 -1.92 -10.01
N GLY I 3 7.85 -2.37 -11.05
CA GLY I 3 6.43 -2.56 -10.91
C GLY I 3 5.68 -1.24 -10.95
N PHE I 4 4.37 -1.34 -10.73
CA PHE I 4 3.49 -0.20 -10.90
C PHE I 4 2.88 0.19 -9.57
N LYS I 5 2.62 1.50 -9.39
CA LYS I 5 1.82 1.99 -8.27
C LYS I 5 0.33 2.06 -8.62
N PHE I 6 0.03 2.37 -9.88
CA PHE I 6 -1.33 2.30 -10.41
C PHE I 6 -1.27 1.54 -11.72
N LEU I 7 -2.33 0.80 -12.01
CA LEU I 7 -2.43 0.10 -13.28
C LEU I 7 -3.91 -0.07 -13.58
N PHE I 8 -4.39 0.56 -14.65
CA PHE I 8 -5.83 0.68 -14.79
C PHE I 8 -6.16 1.01 -16.23
N PHE I 9 -7.42 0.78 -16.58
CA PHE I 9 -7.92 0.99 -17.93
C PHE I 9 -8.70 2.30 -18.05
N SER I 10 -8.45 2.98 -19.17
CA SER I 10 -9.40 3.92 -19.75
C SER I 10 -10.59 3.18 -20.34
N PRO I 11 -11.77 3.81 -20.41
CA PRO I 11 -12.90 3.10 -21.01
C PRO I 11 -12.73 2.90 -22.51
N ASP I 12 -11.81 3.59 -23.16
CA ASP I 12 -11.52 3.25 -24.56
C ASP I 12 -10.69 1.99 -24.68
N GLY I 13 -10.18 1.45 -23.58
CA GLY I 13 -9.47 0.18 -23.60
C GLY I 13 -7.97 0.31 -23.49
N THR I 14 -7.46 1.53 -23.46
CA THR I 14 -6.05 1.78 -23.27
C THR I 14 -5.63 1.51 -21.83
N LEU I 15 -4.49 0.86 -21.66
CA LEU I 15 -3.95 0.57 -20.35
C LEU I 15 -3.07 1.72 -19.89
N TYR I 16 -3.29 2.19 -18.66
CA TYR I 16 -2.52 3.24 -18.05
C TYR I 16 -1.75 2.69 -16.87
N GLY I 17 -0.57 3.22 -16.65
CA GLY I 17 0.20 2.77 -15.52
C GLY I 17 1.10 3.83 -14.96
N VAL I 18 1.26 3.84 -13.65
CA VAL I 18 2.24 4.70 -12.99
C VAL I 18 3.40 3.82 -12.57
N HIS I 19 4.60 4.14 -13.10
CA HIS I 19 5.81 3.39 -12.82
C HIS I 19 6.90 4.41 -12.52
N ASN I 20 7.50 4.31 -11.33
CA ASN I 20 8.54 5.25 -10.89
C ASN I 20 8.04 6.69 -10.93
N ASP I 21 6.79 6.89 -10.52
CA ASP I 21 6.10 8.18 -10.45
C ASP I 21 5.86 8.81 -11.82
N LYS I 22 6.16 8.10 -12.91
CA LYS I 22 5.86 8.54 -14.26
C LYS I 22 4.65 7.79 -14.82
N LEU I 23 3.91 8.44 -15.70
CA LEU I 23 2.66 7.91 -16.21
C LEU I 23 2.86 7.45 -17.65
N TYR I 24 2.38 6.24 -17.95
CA TYR I 24 2.51 5.62 -19.25
C TYR I 24 1.16 5.11 -19.73
N LYS I 25 0.97 5.08 -21.04
CA LYS I 25 -0.25 4.50 -21.60
C LYS I 25 0.08 3.70 -22.84
N GLY I 26 -0.85 2.83 -23.22
CA GLY I 26 -0.69 2.02 -24.41
C GLY I 26 -1.62 0.85 -24.42
N THR I 27 -1.85 0.32 -25.63
CA THR I 27 -2.69 -0.86 -25.76
C THR I 27 -2.15 -1.97 -24.86
N PRO I 28 -3.01 -2.75 -24.23
CA PRO I 28 -2.52 -3.74 -23.25
C PRO I 28 -1.63 -4.76 -23.92
N PRO I 29 -0.77 -5.43 -23.16
CA PRO I 29 0.11 -6.43 -23.77
C PRO I 29 -0.67 -7.67 -24.15
N THR I 30 -0.29 -8.26 -25.28
CA THR I 30 -0.96 -9.41 -25.87
C THR I 30 -0.31 -10.73 -25.51
N SER I 31 0.97 -10.74 -25.15
CA SER I 31 1.65 -11.96 -24.75
C SER I 31 2.78 -11.60 -23.79
N ASP I 32 3.32 -12.63 -23.14
CA ASP I 32 4.42 -12.41 -22.22
C ASP I 32 5.74 -12.10 -22.90
N LYS I 33 5.76 -12.01 -24.23
CA LYS I 33 6.93 -11.46 -24.92
C LYS I 33 6.68 -10.06 -25.44
N ASP I 34 5.54 -9.46 -25.12
CA ASP I 34 5.25 -8.07 -25.42
C ASP I 34 5.83 -7.19 -24.32
N ASN I 35 6.92 -6.49 -24.63
CA ASN I 35 7.55 -5.58 -23.66
C ASN I 35 6.76 -4.28 -23.64
N TRP I 36 5.68 -4.30 -22.83
CA TRP I 36 4.71 -3.20 -22.83
C TRP I 36 5.38 -1.88 -22.46
N LEU I 37 6.17 -1.87 -21.39
CA LEU I 37 6.72 -0.61 -20.92
C LEU I 37 7.70 0.00 -21.93
N ALA I 38 8.31 -0.81 -22.79
CA ALA I 38 9.22 -0.28 -23.79
C ALA I 38 8.48 0.45 -24.91
N ARG I 39 7.28 -0.02 -25.27
CA ARG I 39 6.51 0.63 -26.32
C ARG I 39 5.43 1.57 -25.78
N ALA I 40 5.21 1.63 -24.48
CA ALA I 40 4.19 2.52 -23.96
C ALA I 40 4.57 3.98 -24.21
N THR I 41 3.55 4.80 -24.43
CA THR I 41 3.76 6.24 -24.57
C THR I 41 3.95 6.85 -23.20
N LEU I 42 5.03 7.59 -23.03
CA LEU I 42 5.28 8.34 -21.81
C LEU I 42 4.42 9.60 -21.84
N ILE I 43 3.46 9.70 -20.91
CA ILE I 43 2.55 10.84 -20.88
C ILE I 43 2.66 11.65 -19.61
N GLY I 44 3.61 11.33 -18.74
CA GLY I 44 3.84 12.17 -17.60
C GLY I 44 5.16 11.85 -16.96
N ASN I 45 5.97 12.88 -16.71
CA ASN I 45 7.31 12.67 -16.18
C ASN I 45 7.42 12.66 -14.66
N GLY I 46 6.37 12.96 -13.92
CA GLY I 46 6.51 12.95 -12.47
C GLY I 46 5.26 13.44 -11.79
N GLY I 47 5.29 13.31 -10.47
CA GLY I 47 4.20 13.76 -9.64
C GLY I 47 3.02 12.81 -9.56
N TRP I 48 3.12 11.60 -10.13
CA TRP I 48 1.98 10.66 -10.12
C TRP I 48 2.07 9.69 -8.96
N SER J 2 2.55 15.68 -3.18
CA SER J 2 3.30 14.45 -3.33
C SER J 2 2.90 13.70 -4.61
N GLY J 3 2.43 12.47 -4.45
CA GLY J 3 1.83 11.72 -5.53
C GLY J 3 0.31 11.69 -5.42
N PHE J 4 -0.30 10.79 -6.20
CA PHE J 4 -1.74 10.63 -6.20
C PHE J 4 -2.13 9.48 -5.27
N LYS J 5 -3.23 9.67 -4.56
CA LYS J 5 -3.84 8.63 -3.74
C LYS J 5 -4.76 7.74 -4.57
N PHE J 6 -5.51 8.34 -5.49
CA PHE J 6 -6.34 7.63 -6.43
C PHE J 6 -6.11 8.25 -7.81
N LEU J 7 -6.14 7.40 -8.83
CA LEU J 7 -6.03 7.86 -10.20
C LEU J 7 -6.85 6.91 -11.06
N PHE J 8 -7.91 7.41 -11.69
CA PHE J 8 -8.91 6.51 -12.26
C PHE J 8 -9.76 7.24 -13.29
N PHE J 9 -10.36 6.48 -14.18
CA PHE J 9 -11.18 7.06 -15.23
C PHE J 9 -12.65 6.98 -14.88
N SER J 10 -13.37 8.01 -15.29
CA SER J 10 -14.81 7.96 -15.41
C SER J 10 -15.18 7.26 -16.71
N PRO J 11 -16.40 6.73 -16.83
CA PRO J 11 -16.76 6.02 -18.07
C PRO J 11 -16.86 6.93 -19.28
N ASP J 12 -17.00 8.25 -19.10
CA ASP J 12 -16.99 9.14 -20.25
C ASP J 12 -15.58 9.50 -20.74
N GLY J 13 -14.54 8.92 -20.13
CA GLY J 13 -13.18 9.10 -20.60
C GLY J 13 -12.40 10.18 -19.89
N THR J 14 -12.94 10.77 -18.84
CA THR J 14 -12.24 11.81 -18.09
C THR J 14 -11.38 11.20 -17.00
N LEU J 15 -10.17 11.73 -16.86
CA LEU J 15 -9.27 11.24 -15.82
C LEU J 15 -9.58 11.97 -14.52
N TYR J 16 -9.73 11.21 -13.43
CA TYR J 16 -9.90 11.76 -12.10
C TYR J 16 -8.72 11.39 -11.22
N GLY J 17 -8.37 12.28 -10.29
CA GLY J 17 -7.28 11.98 -9.38
C GLY J 17 -7.46 12.68 -8.05
N VAL J 18 -6.99 12.01 -7.00
CA VAL J 18 -6.96 12.59 -5.66
C VAL J 18 -5.51 12.90 -5.35
N HIS J 19 -5.22 14.17 -5.07
CA HIS J 19 -3.85 14.63 -4.86
C HIS J 19 -3.90 15.62 -3.71
N ASN J 20 -3.08 15.38 -2.70
CA ASN J 20 -3.09 16.21 -1.48
C ASN J 20 -4.52 16.32 -0.94
N ASP J 21 -5.24 15.20 -0.97
CA ASP J 21 -6.60 15.06 -0.45
C ASP J 21 -7.62 15.94 -1.16
N LYS J 22 -7.27 16.48 -2.32
CA LYS J 22 -8.18 17.21 -3.19
C LYS J 22 -8.54 16.33 -4.39
N LEU J 23 -9.69 16.63 -5.02
CA LEU J 23 -10.14 15.87 -6.19
C LEU J 23 -10.07 16.73 -7.45
N TYR J 24 -9.51 16.16 -8.51
CA TYR J 24 -9.26 16.83 -9.77
C TYR J 24 -9.81 16.01 -10.92
N LYS J 25 -10.18 16.67 -12.01
CA LYS J 25 -10.53 15.93 -13.22
C LYS J 25 -10.07 16.69 -14.46
N GLY J 26 -9.94 15.94 -15.56
CA GLY J 26 -9.56 16.58 -16.80
C GLY J 26 -9.28 15.53 -17.84
N THR J 27 -9.24 15.97 -19.09
CA THR J 27 -8.82 15.04 -20.14
C THR J 27 -7.42 14.53 -19.81
N PRO J 28 -7.11 13.27 -20.10
CA PRO J 28 -5.83 12.71 -19.68
C PRO J 28 -4.70 13.34 -20.48
N PRO J 29 -3.48 13.36 -19.93
CA PRO J 29 -2.35 13.93 -20.69
C PRO J 29 -1.99 13.03 -21.86
N THR J 30 -1.51 13.66 -22.94
CA THR J 30 -1.10 12.91 -24.13
C THR J 30 0.41 12.91 -24.34
N SER J 31 1.15 13.59 -23.48
CA SER J 31 2.55 13.94 -23.64
C SER J 31 3.15 14.30 -22.28
N ASP J 32 4.42 13.98 -22.09
CA ASP J 32 5.08 14.42 -20.86
C ASP J 32 5.29 15.93 -20.80
N LYS J 33 5.04 16.66 -21.88
CA LYS J 33 5.11 18.13 -21.80
C LYS J 33 3.87 18.72 -21.17
N ASP J 34 2.85 17.90 -20.92
CA ASP J 34 1.53 18.36 -20.46
C ASP J 34 1.49 18.40 -18.93
N ASN J 35 1.42 19.60 -18.35
CA ASN J 35 1.31 19.70 -16.90
C ASN J 35 -0.16 19.50 -16.56
N TRP J 36 -0.54 18.23 -16.37
CA TRP J 36 -1.94 17.85 -16.18
C TRP J 36 -2.54 18.53 -14.97
N LEU J 37 -1.86 18.40 -13.84
CA LEU J 37 -2.42 18.94 -12.60
C LEU J 37 -2.62 20.44 -12.69
N ALA J 38 -1.73 21.15 -13.39
CA ALA J 38 -1.88 22.60 -13.53
C ALA J 38 -3.09 22.97 -14.37
N ARG J 39 -3.57 22.08 -15.24
CA ARG J 39 -4.71 22.39 -16.10
C ARG J 39 -5.96 21.61 -15.70
N ALA J 40 -5.88 20.83 -14.62
CA ALA J 40 -7.04 20.03 -14.23
C ALA J 40 -8.05 20.93 -13.53
N THR J 41 -9.30 20.52 -13.58
CA THR J 41 -10.37 21.21 -12.87
C THR J 41 -10.42 20.73 -11.43
N LEU J 42 -10.38 21.67 -10.49
CA LEU J 42 -10.49 21.32 -9.08
C LEU J 42 -11.96 21.11 -8.78
N ILE J 43 -12.34 19.90 -8.39
CA ILE J 43 -13.75 19.61 -8.12
C ILE J 43 -14.00 19.20 -6.68
N GLY J 44 -12.95 19.15 -5.85
CA GLY J 44 -13.11 18.89 -4.43
C GLY J 44 -11.95 19.44 -3.63
N ASN J 45 -12.26 20.23 -2.60
CA ASN J 45 -11.19 20.99 -1.94
C ASN J 45 -10.60 20.30 -0.71
N GLY J 46 -11.01 19.08 -0.39
CA GLY J 46 -10.40 18.35 0.71
C GLY J 46 -11.31 17.23 1.14
N GLY J 47 -10.81 16.41 2.04
CA GLY J 47 -11.58 15.30 2.54
C GLY J 47 -11.51 14.03 1.72
N TRP J 48 -10.74 14.02 0.63
CA TRP J 48 -10.69 12.84 -0.23
C TRP J 48 -9.53 11.92 0.14
#